data_4E7A
#
_entry.id   4E7A
#
_cell.length_a   142.730
_cell.length_b   142.730
_cell.length_c   91.500
_cell.angle_alpha   90.000
_cell.angle_beta   90.000
_cell.angle_gamma   120.000
#
_symmetry.space_group_name_H-M   'P 65'
#
loop_
_entity.id
_entity.type
_entity.pdbx_description
1 polymer "5'-R(*CP*AP*UP*GP*GP*C)-D(P*(DOC))-3'"
2 polymer 'RNA-directed RNA polymerase'
3 water water
#
loop_
_entity_poly.entity_id
_entity_poly.type
_entity_poly.pdbx_seq_one_letter_code
_entity_poly.pdbx_strand_id
1 'polydeoxyribonucleotide/polyribonucleotide hybrid' CAUGGC(DOC) T,P
2 'polypeptide(L)'
;MSSMSYSWTGALITPCSPEEEKLPINPLSNSLLRYHNKVYCTTSKSASQRAKKVTFDRTQVLDAHYDSVLKDIKLAASKV
SARLLTLQQACQLTPPHSARSKYGFGAKEVRSLSGRAVNHIKSVWKDLLEDPQTPIPTTIMAKNEVFCVDPAKGGKKPAR
LIVYPDLGVRVCEKMALYDITQKLPQAVMGASYGFQYSPAQRVEYLLKAWAEKKDPMGFSYDTRCFDSTVTERDIRTEES
IYQACSLPEEARTAIHSLTERLYVGGPMFNSKGQTCGYRRCRASGVLTTSMGNTITCYVKALAACKAAGIVAPTMLVCGD
DLVVISESQGTEEDERNLRAFTEAMTRYSAPPGDPPRPEYDLELITSCSSNVSVALGPRGRRRYYLTRDPTTPLARAAWE
TVRHSPINSWLGNIIQYAPTIWVRMVLMTHFFSILMVQDTLDQNLGGVNPLDLPAIIERLHGLDAFSMHTYSHHELTRVA
SALRKLGAPPLRVWKSRARAVRASLISRGGKAAVCGRYLFNWAVKTKLKLTPLPEARLLDLSSWFTVGAGGGDIFHSVSR
ARPRLEHHHHHH
;
A
#
loop_
_chem_comp.id
_chem_comp.type
_chem_comp.name
_chem_comp.formula
A RNA linking ADENOSINE-5'-MONOPHOSPHATE 'C10 H14 N5 O7 P'
C RNA linking CYTIDINE-5'-MONOPHOSPHATE 'C9 H14 N3 O8 P'
DOC DNA linking 2',3'-DIDEOXYCYTIDINE-5'-MONOPHOSPHATE 'C9 H14 N3 O6 P'
G RNA linking GUANOSINE-5'-MONOPHOSPHATE 'C10 H14 N5 O8 P'
U RNA linking URIDINE-5'-MONOPHOSPHATE 'C9 H13 N2 O9 P'
#
# COMPACT_ATOMS: atom_id res chain seq x y z
N1 DOC A 7 -5.18 -5.74 2.74
C2 DOC A 7 -4.22 -5.45 3.72
N3 DOC A 7 -4.62 -5.00 4.93
C4 DOC A 7 -5.92 -4.86 5.20
C5 DOC A 7 -6.92 -5.17 4.23
C6 DOC A 7 -6.51 -5.60 3.02
O2 DOC A 7 -3.02 -5.59 3.44
N4 DOC A 7 -6.28 -4.43 6.41
C1' DOC A 7 -4.74 -6.25 1.43
C2' DOC A 7 -4.96 -7.77 1.30
C3' DOC A 7 -5.12 -7.92 -0.21
C4' DOC A 7 -5.81 -6.62 -0.62
O4' DOC A 7 -5.53 -5.65 0.42
C5' DOC A 7 -7.31 -6.73 -0.85
O5' DOC A 7 -8.02 -6.50 0.39
P DOC A 7 -9.61 -6.34 0.44
OP1 DOC A 7 -10.17 -7.31 -0.52
OP2 DOC A 7 -10.09 -6.34 1.86
N1 DOC B 7 -3.24 4.82 1.38
C2 DOC B 7 -4.34 5.05 2.21
N3 DOC B 7 -4.14 5.25 3.54
C4 DOC B 7 -2.89 5.24 4.02
C5 DOC B 7 -1.76 5.00 3.20
C6 DOC B 7 -1.98 4.81 1.89
O2 DOC B 7 -5.48 5.06 1.72
N4 DOC B 7 -2.73 5.45 5.34
C1' DOC B 7 -3.47 4.61 -0.05
C2' DOC B 7 -3.48 5.91 -0.86
C3' DOC B 7 -2.03 5.99 -1.34
C4' DOC B 7 -1.71 4.53 -1.62
O4' DOC B 7 -2.42 3.80 -0.57
C5' DOC B 7 -0.25 4.13 -1.70
O5' DOC B 7 0.52 4.60 -0.57
P DOC B 7 2.05 4.22 -0.36
OP1 DOC B 7 2.89 4.69 -1.49
OP2 DOC B 7 2.34 4.74 1.01
N SER C 2 -11.67 23.80 -14.96
CA SER C 2 -13.07 23.32 -14.79
C SER C 2 -13.35 22.94 -13.32
N SER C 3 -13.23 21.65 -12.96
CA SER C 3 -13.46 21.20 -11.58
C SER C 3 -12.29 21.66 -10.75
N MET C 4 -12.54 22.08 -9.52
CA MET C 4 -11.44 22.29 -8.59
C MET C 4 -11.66 21.39 -7.36
N SER C 5 -10.65 20.58 -7.04
CA SER C 5 -10.76 19.37 -6.21
C SER C 5 -11.39 19.53 -4.82
N TYR C 6 -11.17 20.68 -4.19
CA TYR C 6 -11.73 20.96 -2.87
C TYR C 6 -12.04 22.45 -2.70
N SER C 7 -12.76 22.78 -1.63
CA SER C 7 -13.07 24.16 -1.24
C SER C 7 -13.27 24.14 0.26
N TRP C 8 -12.91 25.21 0.95
CA TRP C 8 -12.73 25.14 2.42
C TRP C 8 -13.34 26.27 3.18
N THR C 9 -13.96 25.93 4.30
CA THR C 9 -14.51 26.91 5.22
C THR C 9 -13.38 27.48 6.05
N GLY C 10 -12.26 26.76 6.07
CA GLY C 10 -11.12 27.19 6.86
C GLY C 10 -11.24 26.73 8.30
N ALA C 11 -12.20 25.85 8.59
CA ALA C 11 -12.31 25.24 9.91
C ALA C 11 -11.14 24.28 10.14
N LEU C 12 -10.67 24.19 11.38
CA LEU C 12 -9.53 23.34 11.73
C LEU C 12 -9.86 21.83 11.57
N ILE C 13 -8.98 21.11 10.88
CA ILE C 13 -9.06 19.64 10.75
C ILE C 13 -8.49 18.96 12.00
N THR C 14 -9.37 18.58 12.90
CA THR C 14 -9.00 18.08 14.22
C THR C 14 -8.46 16.64 14.21
N PRO C 15 -7.73 16.27 15.29
CA PRO C 15 -7.21 14.92 15.46
C PRO C 15 -8.22 13.97 16.11
N CYS C 16 -8.12 12.68 15.79
CA CYS C 16 -8.96 11.63 16.41
C CYS C 16 -8.45 11.27 17.81
N SER C 17 -7.23 10.72 17.84
CA SER C 17 -6.61 10.12 19.03
C SER C 17 -5.42 10.95 19.53
N PRO C 18 -5.69 12.06 20.25
CA PRO C 18 -4.68 13.07 20.58
C PRO C 18 -3.22 12.62 20.44
N GLU C 19 -2.47 13.38 19.62
CA GLU C 19 -1.07 13.06 19.26
C GLU C 19 -0.21 12.78 20.49
N GLU C 20 0.50 11.65 20.48
CA GLU C 20 1.31 11.24 21.62
C GLU C 20 2.64 11.98 21.60
N GLU C 21 3.05 12.56 22.74
CA GLU C 21 4.36 13.18 22.89
C GLU C 21 5.41 12.06 22.88
N LYS C 22 6.66 12.38 22.60
CA LYS C 22 7.72 11.37 22.68
C LYS C 22 8.27 11.35 24.11
N LEU C 23 9.19 10.43 24.37
CA LEU C 23 9.70 10.20 25.71
C LEU C 23 11.21 10.34 25.73
N PRO C 24 11.77 10.68 26.90
CA PRO C 24 13.22 10.94 27.01
C PRO C 24 14.16 9.73 26.85
N ILE C 25 13.62 8.51 27.00
CA ILE C 25 14.36 7.29 26.70
C ILE C 25 13.47 6.38 25.86
N ASN C 26 14.09 5.71 24.87
CA ASN C 26 13.42 4.73 24.01
C ASN C 26 14.10 3.40 24.21
N PRO C 27 13.66 2.63 25.20
CA PRO C 27 14.39 1.44 25.63
C PRO C 27 14.45 0.31 24.62
N LEU C 28 13.40 0.09 23.84
CA LEU C 28 13.40 -1.01 22.87
C LEU C 28 14.31 -0.72 21.68
N SER C 29 14.49 0.57 21.36
CA SER C 29 15.17 0.99 20.13
C SER C 29 16.50 1.76 20.25
N ASN C 30 16.92 2.17 21.46
CA ASN C 30 18.17 2.95 21.55
C ASN C 30 19.46 2.15 21.38
N SER C 31 19.37 0.86 21.11
CA SER C 31 20.51 0.10 20.61
C SER C 31 20.38 -0.12 19.07
N LEU C 32 19.17 0.09 18.54
CA LEU C 32 18.93 -0.01 17.11
C LEU C 32 19.58 1.13 16.33
N LEU C 33 19.33 2.35 16.79
CA LEU C 33 19.80 3.54 16.10
C LEU C 33 19.90 4.64 17.13
N ARG C 34 20.75 5.64 16.87
CA ARG C 34 20.98 6.71 17.84
C ARG C 34 20.17 7.95 17.55
N TYR C 35 19.99 8.31 16.27
CA TYR C 35 19.47 9.62 15.89
C TYR C 35 17.96 9.74 15.97
N HIS C 36 17.43 9.60 17.19
CA HIS C 36 15.98 9.56 17.42
C HIS C 36 15.31 10.85 17.06
N ASN C 37 16.01 11.95 17.20
CA ASN C 37 15.53 13.25 16.75
C ASN C 37 14.98 13.22 15.31
N LYS C 38 15.55 12.38 14.45
CA LYS C 38 15.10 12.27 13.06
C LYS C 38 13.80 11.50 12.87
N VAL C 39 13.40 10.67 13.83
CA VAL C 39 12.15 9.94 13.67
C VAL C 39 11.02 10.81 14.19
N TYR C 40 10.04 11.09 13.32
CA TYR C 40 8.92 11.95 13.68
C TYR C 40 7.59 11.35 13.26
N CYS C 41 6.52 11.92 13.81
CA CYS C 41 5.15 11.53 13.45
C CYS C 41 4.35 12.74 12.98
N THR C 42 3.54 12.55 11.94
CA THR C 42 2.86 13.68 11.28
C THR C 42 1.69 14.24 12.10
N THR C 43 1.95 15.39 12.74
CA THR C 43 0.95 16.26 13.41
C THR C 43 -0.28 16.62 12.55
N SER C 44 -1.42 16.81 13.21
CA SER C 44 -2.65 17.21 12.51
C SER C 44 -2.69 18.71 12.34
N LYS C 45 -1.78 19.42 13.02
CA LYS C 45 -1.53 20.83 12.71
C LYS C 45 -1.16 20.93 11.23
N SER C 46 -0.36 19.99 10.74
CA SER C 46 0.05 19.97 9.34
C SER C 46 -1.08 19.81 8.33
N ALA C 47 -2.28 19.43 8.83
CA ALA C 47 -3.47 19.27 7.99
C ALA C 47 -3.68 20.40 6.99
N SER C 48 -3.56 21.64 7.46
CA SER C 48 -3.71 22.84 6.61
C SER C 48 -2.76 22.80 5.42
N GLN C 49 -1.50 22.49 5.67
CA GLN C 49 -0.51 22.36 4.63
C GLN C 49 -0.86 21.28 3.60
N ARG C 50 -1.41 20.17 4.09
CA ARG C 50 -1.82 19.10 3.18
C ARG C 50 -2.87 19.62 2.21
N ALA C 51 -3.79 20.44 2.72
CA ALA C 51 -4.89 20.95 1.92
C ALA C 51 -4.39 21.77 0.70
N LYS C 52 -3.48 22.71 0.94
CA LYS C 52 -2.90 23.53 -0.15
C LYS C 52 -2.33 22.63 -1.27
N LYS C 53 -1.59 21.59 -0.91
CA LYS C 53 -0.99 20.66 -1.88
C LYS C 53 -2.02 19.85 -2.68
N VAL C 54 -3.25 19.67 -2.16
CA VAL C 54 -4.31 18.90 -2.87
C VAL C 54 -5.49 19.72 -3.42
N THR C 55 -5.45 21.03 -3.23
CA THR C 55 -6.50 21.90 -3.75
C THR C 55 -6.01 22.61 -5.01
N PHE C 56 -6.68 22.35 -6.12
CA PHE C 56 -6.23 22.85 -7.43
C PHE C 56 -7.21 22.56 -8.56
N ASP C 57 -7.29 23.48 -9.52
CA ASP C 57 -8.18 23.34 -10.66
C ASP C 57 -7.74 22.16 -11.50
N ARG C 58 -8.69 21.50 -12.16
CA ARG C 58 -8.40 20.39 -13.07
C ARG C 58 -9.16 20.56 -14.35
N THR C 59 -8.57 20.10 -15.45
CA THR C 59 -9.21 20.21 -16.75
C THR C 59 -8.85 18.99 -17.57
N GLN C 60 -9.88 18.26 -17.97
CA GLN C 60 -9.71 16.96 -18.59
C GLN C 60 -9.96 17.16 -20.09
N VAL C 61 -9.34 16.33 -20.92
CA VAL C 61 -9.57 16.33 -22.36
C VAL C 61 -9.24 14.94 -22.86
N LEU C 62 -10.22 14.21 -23.34
CA LEU C 62 -10.04 12.81 -23.70
C LEU C 62 -9.82 12.72 -25.19
N ASP C 63 -9.91 11.53 -25.80
CA ASP C 63 -9.64 11.35 -27.23
C ASP C 63 -9.77 9.91 -27.70
N ALA C 64 -9.79 9.70 -29.01
CA ALA C 64 -9.98 8.36 -29.58
C ALA C 64 -9.31 7.27 -28.76
N HIS C 65 -8.05 7.50 -28.43
CA HIS C 65 -7.26 6.51 -27.70
C HIS C 65 -7.95 6.09 -26.43
N TYR C 66 -8.28 7.07 -25.59
CA TYR C 66 -9.04 6.83 -24.38
C TYR C 66 -10.32 6.06 -24.71
N ASP C 67 -11.12 6.66 -25.60
CA ASP C 67 -12.46 6.16 -25.87
C ASP C 67 -12.39 4.71 -26.28
N SER C 68 -11.38 4.35 -27.07
CA SER C 68 -11.20 2.97 -27.54
C SER C 68 -10.99 1.99 -26.39
N VAL C 69 -10.14 2.40 -25.44
CA VAL C 69 -9.86 1.60 -24.27
C VAL C 69 -11.13 1.49 -23.43
N LEU C 70 -11.71 2.64 -23.10
CA LEU C 70 -12.93 2.67 -22.28
C LEU C 70 -14.03 1.77 -22.84
N LYS C 71 -14.05 1.58 -24.15
CA LYS C 71 -14.95 0.61 -24.77
C LYS C 71 -14.50 -0.81 -24.51
N ASP C 72 -13.25 -1.12 -24.80
CA ASP C 72 -12.78 -2.50 -24.62
C ASP C 72 -12.98 -2.99 -23.19
N ILE C 73 -12.90 -2.06 -22.24
CA ILE C 73 -13.02 -2.41 -20.84
C ILE C 73 -14.47 -2.71 -20.49
N LYS C 74 -15.39 -1.91 -21.02
CA LYS C 74 -16.82 -2.19 -20.87
C LYS C 74 -17.17 -3.57 -21.45
N LEU C 75 -16.58 -3.94 -22.58
CA LEU C 75 -16.80 -5.29 -23.14
C LEU C 75 -16.36 -6.32 -22.11
N ALA C 76 -15.24 -6.07 -21.41
CA ALA C 76 -14.73 -7.02 -20.41
C ALA C 76 -15.58 -7.06 -19.12
N ALA C 77 -15.95 -5.90 -18.61
CA ALA C 77 -16.92 -5.81 -17.51
C ALA C 77 -18.11 -6.74 -17.76
N SER C 78 -18.65 -6.69 -18.98
CA SER C 78 -19.92 -7.35 -19.28
C SER C 78 -19.85 -8.86 -19.29
N LYS C 79 -18.67 -9.47 -19.40
CA LYS C 79 -18.59 -10.93 -19.18
C LYS C 79 -18.55 -11.25 -17.65
N VAL C 80 -18.98 -10.31 -16.79
CA VAL C 80 -18.95 -10.48 -15.32
C VAL C 80 -20.30 -10.26 -14.65
N SER C 81 -20.70 -11.22 -13.81
CA SER C 81 -21.95 -11.10 -13.04
C SER C 81 -21.72 -11.12 -11.53
N ALA C 82 -22.25 -10.10 -10.86
CA ALA C 82 -22.03 -9.88 -9.45
C ALA C 82 -23.37 -9.87 -8.76
N ARG C 83 -23.39 -10.09 -7.45
CA ARG C 83 -24.65 -10.16 -6.71
C ARG C 83 -24.74 -9.09 -5.65
N LEU C 84 -25.95 -8.86 -5.14
CA LEU C 84 -26.10 -8.07 -3.90
C LEU C 84 -25.50 -8.84 -2.70
N LEU C 85 -25.35 -8.17 -1.56
CA LEU C 85 -24.83 -8.84 -0.37
C LEU C 85 -25.83 -8.60 0.73
N THR C 86 -26.33 -9.69 1.32
CA THR C 86 -27.35 -9.54 2.34
C THR C 86 -26.81 -8.60 3.39
N LEU C 87 -27.56 -7.55 3.69
CA LEU C 87 -27.21 -6.63 4.77
C LEU C 87 -26.38 -7.33 5.87
N GLN C 88 -26.83 -8.52 6.25
CA GLN C 88 -26.12 -9.34 7.22
C GLN C 88 -24.69 -9.57 6.79
N GLN C 89 -24.51 -10.23 5.65
CA GLN C 89 -23.17 -10.52 5.10
C GLN C 89 -22.25 -9.28 5.11
N ALA C 90 -22.80 -8.14 4.72
CA ALA C 90 -22.06 -6.88 4.76
C ALA C 90 -21.58 -6.55 6.15
N CYS C 91 -22.45 -6.73 7.14
CA CYS C 91 -22.11 -6.42 8.54
C CYS C 91 -20.92 -7.25 9.02
N GLN C 92 -20.91 -8.51 8.63
CA GLN C 92 -19.85 -9.42 8.98
C GLN C 92 -18.52 -8.95 8.40
N LEU C 93 -18.51 -8.38 7.20
CA LEU C 93 -17.27 -7.92 6.59
C LEU C 93 -16.67 -6.69 7.27
N THR C 94 -17.40 -6.08 8.19
CA THR C 94 -16.89 -4.93 8.92
C THR C 94 -15.68 -5.20 9.83
N PRO C 95 -14.60 -4.44 9.63
CA PRO C 95 -13.48 -4.53 10.54
C PRO C 95 -13.87 -4.35 12.02
N PRO C 96 -13.24 -5.12 12.92
CA PRO C 96 -13.51 -5.15 14.36
C PRO C 96 -13.44 -3.82 15.08
N HIS C 97 -12.42 -3.03 14.78
CA HIS C 97 -12.27 -1.77 15.50
C HIS C 97 -12.71 -0.60 14.66
N SER C 98 -13.55 -0.88 13.66
CA SER C 98 -13.99 0.16 12.73
C SER C 98 -14.67 1.26 13.52
N ALA C 99 -14.47 2.49 13.06
CA ALA C 99 -15.02 3.70 13.69
C ALA C 99 -16.50 3.55 13.95
N ARG C 100 -16.93 3.86 15.17
CA ARG C 100 -18.32 3.70 15.56
C ARG C 100 -19.26 4.65 14.80
N SER C 101 -20.54 4.33 14.79
CA SER C 101 -21.52 5.17 14.12
C SER C 101 -21.91 6.32 15.01
N LYS C 102 -22.30 7.42 14.36
CA LYS C 102 -22.74 8.66 15.00
C LYS C 102 -24.09 8.41 15.69
N TYR C 103 -24.76 7.32 15.30
CA TYR C 103 -26.08 6.99 15.81
C TYR C 103 -26.08 5.93 16.92
N GLY C 104 -25.09 5.97 17.81
CA GLY C 104 -25.10 5.07 18.98
C GLY C 104 -24.93 3.58 18.70
N PHE C 105 -23.85 3.24 18.02
CA PHE C 105 -23.35 1.86 17.92
C PHE C 105 -22.03 1.81 17.13
N GLY C 106 -21.31 0.70 17.28
CA GLY C 106 -20.03 0.49 16.62
C GLY C 106 -19.94 -0.88 16.01
N ALA C 107 -18.72 -1.33 15.74
CA ALA C 107 -18.50 -2.57 15.03
C ALA C 107 -18.85 -3.80 15.86
N LYS C 108 -18.69 -3.73 17.19
CA LYS C 108 -19.07 -4.86 18.05
C LYS C 108 -20.52 -5.24 17.69
N GLU C 109 -21.41 -4.26 17.83
CA GLU C 109 -22.84 -4.36 17.54
C GLU C 109 -23.08 -4.82 16.09
N VAL C 110 -22.51 -4.10 15.12
CA VAL C 110 -22.67 -4.47 13.72
C VAL C 110 -22.26 -5.93 13.49
N ARG C 111 -21.08 -6.30 13.96
CA ARG C 111 -20.60 -7.68 13.73
C ARG C 111 -21.43 -8.76 14.43
N SER C 112 -22.05 -8.41 15.56
CA SER C 112 -22.91 -9.34 16.29
C SER C 112 -24.38 -9.23 15.83
N LEU C 113 -24.67 -8.33 14.90
CA LEU C 113 -26.00 -8.11 14.34
C LEU C 113 -26.99 -7.60 15.40
N SER C 114 -26.50 -6.83 16.35
CA SER C 114 -27.39 -6.10 17.23
C SER C 114 -28.61 -5.58 16.48
N GLY C 115 -29.78 -5.68 17.10
CA GLY C 115 -31.01 -5.23 16.51
C GLY C 115 -31.03 -3.76 16.14
N ARG C 116 -30.51 -2.90 17.02
CA ARG C 116 -30.53 -1.48 16.71
C ARG C 116 -29.65 -1.16 15.51
N ALA C 117 -28.45 -1.74 15.48
CA ALA C 117 -27.52 -1.54 14.37
C ALA C 117 -28.19 -1.97 13.07
N VAL C 118 -28.79 -3.16 13.06
CA VAL C 118 -29.48 -3.64 11.87
C VAL C 118 -30.67 -2.78 11.42
N ASN C 119 -31.42 -2.20 12.35
CA ASN C 119 -32.46 -1.22 11.96
C ASN C 119 -31.90 -0.07 11.14
N HIS C 120 -30.91 0.60 11.70
CA HIS C 120 -30.34 1.77 11.05
C HIS C 120 -29.82 1.42 9.67
N ILE C 121 -29.02 0.38 9.58
CA ILE C 121 -28.49 -0.03 8.29
C ILE C 121 -29.63 -0.30 7.29
N LYS C 122 -30.73 -0.87 7.76
CA LYS C 122 -31.92 -1.02 6.92
C LYS C 122 -32.43 0.34 6.41
N SER C 123 -32.54 1.33 7.28
CA SER C 123 -33.15 2.59 6.88
C SER C 123 -32.23 3.38 5.92
N VAL C 124 -30.94 3.43 6.24
CA VAL C 124 -29.92 3.99 5.34
C VAL C 124 -30.06 3.43 3.94
N TRP C 125 -30.11 2.11 3.86
CA TRP C 125 -30.21 1.45 2.58
C TRP C 125 -31.48 1.73 1.87
N LYS C 126 -32.57 1.89 2.60
CA LYS C 126 -33.85 2.17 1.97
C LYS C 126 -33.74 3.56 1.33
N ASP C 127 -33.27 4.51 2.14
CA ASP C 127 -33.06 5.87 1.68
C ASP C 127 -32.12 5.98 0.48
N LEU C 128 -31.18 5.06 0.34
CA LEU C 128 -30.39 5.03 -0.91
C LEU C 128 -31.29 4.70 -2.08
N LEU C 129 -32.13 3.69 -1.93
CA LEU C 129 -33.07 3.31 -2.98
C LEU C 129 -34.14 4.41 -3.26
N GLU C 130 -34.55 5.15 -2.24
CA GLU C 130 -35.60 6.15 -2.41
C GLU C 130 -35.08 7.46 -3.02
N ASP C 131 -33.89 7.88 -2.59
CA ASP C 131 -33.33 9.20 -2.91
C ASP C 131 -31.98 9.06 -3.65
N PRO C 132 -31.89 9.54 -4.90
CA PRO C 132 -30.62 9.46 -5.61
C PRO C 132 -29.92 10.80 -5.85
N GLN C 133 -30.13 11.80 -4.99
CA GLN C 133 -29.51 13.10 -5.22
C GLN C 133 -28.83 13.66 -3.99
N THR C 134 -29.47 13.61 -2.82
CA THR C 134 -28.95 14.34 -1.66
C THR C 134 -27.52 13.89 -1.32
N PRO C 135 -26.55 14.81 -1.40
CA PRO C 135 -25.22 14.47 -0.90
C PRO C 135 -25.21 13.91 0.52
N ILE C 136 -24.52 12.78 0.70
CA ILE C 136 -24.31 12.14 2.00
C ILE C 136 -23.17 12.84 2.69
N PRO C 137 -23.35 13.29 3.94
CA PRO C 137 -22.21 13.97 4.55
C PRO C 137 -21.02 13.02 4.87
N THR C 138 -19.83 13.60 4.98
CA THR C 138 -18.62 12.85 5.30
C THR C 138 -17.80 13.53 6.39
N THR C 139 -16.94 12.75 7.05
CA THR C 139 -16.01 13.26 8.04
C THR C 139 -14.60 13.33 7.46
N ILE C 140 -13.82 14.32 7.89
CA ILE C 140 -12.43 14.46 7.46
C ILE C 140 -11.49 14.46 8.67
N MET C 141 -10.45 13.63 8.59
CA MET C 141 -9.49 13.43 9.68
C MET C 141 -8.07 13.42 9.13
N ALA C 142 -7.09 13.63 10.00
CA ALA C 142 -5.68 13.52 9.61
C ALA C 142 -5.03 12.21 10.11
N LYS C 143 -4.68 11.30 9.18
CA LYS C 143 -3.91 10.10 9.58
C LYS C 143 -2.51 10.53 9.96
N ASN C 144 -2.03 10.14 11.13
CA ASN C 144 -0.64 10.37 11.51
C ASN C 144 0.20 9.14 11.24
N GLU C 145 1.39 9.32 10.69
CA GLU C 145 2.28 8.20 10.44
C GLU C 145 3.68 8.66 10.72
N VAL C 146 4.53 7.71 11.10
CA VAL C 146 5.92 7.98 11.43
C VAL C 146 6.81 7.83 10.19
N PHE C 147 7.77 8.76 10.12
CA PHE C 147 8.77 8.85 9.05
C PHE C 147 10.08 9.37 9.59
N CYS C 148 11.11 9.25 8.77
CA CYS C 148 12.41 9.86 9.04
C CYS C 148 12.45 11.21 8.32
N VAL C 149 13.11 12.22 8.91
CA VAL C 149 13.14 13.53 8.26
C VAL C 149 13.94 13.48 6.96
N ASP C 150 13.50 14.26 5.97
CA ASP C 150 14.23 14.43 4.71
C ASP C 150 14.39 15.91 4.36
N PRO C 151 15.62 16.43 4.45
CA PRO C 151 15.82 17.86 4.16
C PRO C 151 15.64 18.11 2.67
N ALA C 152 16.26 17.29 1.82
CA ALA C 152 16.08 17.35 0.36
C ALA C 152 14.62 17.56 -0.01
N LYS C 153 13.76 16.63 0.41
CA LYS C 153 12.32 16.68 0.10
C LYS C 153 11.50 17.43 1.18
N GLY C 154 12.11 18.45 1.80
CA GLY C 154 11.36 19.47 2.60
C GLY C 154 11.00 19.11 4.03
N GLY C 155 12.02 18.97 4.89
CA GLY C 155 11.84 18.67 6.33
C GLY C 155 10.92 17.49 6.67
N LYS C 156 9.72 17.82 7.16
CA LYS C 156 8.70 16.85 7.53
C LYS C 156 7.51 16.88 6.57
N LYS C 157 6.96 15.71 6.26
CA LYS C 157 5.76 15.62 5.42
C LYS C 157 4.57 16.08 6.24
N PRO C 158 3.56 16.64 5.58
CA PRO C 158 2.27 16.83 6.27
C PRO C 158 1.40 15.59 6.30
N ALA C 159 0.51 15.53 7.30
CA ALA C 159 -0.39 14.37 7.53
C ALA C 159 -1.28 14.12 6.36
N ARG C 160 -1.57 12.85 6.08
CA ARG C 160 -2.54 12.48 5.04
C ARG C 160 -3.93 12.81 5.53
N LEU C 161 -4.83 13.18 4.62
CA LEU C 161 -6.20 13.47 4.98
C LEU C 161 -7.07 12.28 4.65
N ILE C 162 -7.85 11.84 5.63
CA ILE C 162 -8.74 10.73 5.48
C ILE C 162 -10.15 11.28 5.47
N VAL C 163 -10.97 10.81 4.54
CA VAL C 163 -12.35 11.29 4.39
C VAL C 163 -13.33 10.15 4.20
N TYR C 164 -14.33 10.07 5.09
CA TYR C 164 -15.19 8.88 5.14
C TYR C 164 -16.61 9.12 5.68
N PRO C 165 -17.60 8.37 5.14
CA PRO C 165 -18.97 8.46 5.58
C PRO C 165 -19.18 7.78 6.93
N ASP C 166 -20.36 7.94 7.51
CA ASP C 166 -20.71 7.26 8.75
C ASP C 166 -20.79 5.74 8.53
N LEU C 167 -20.56 5.00 9.61
CA LEU C 167 -20.46 3.55 9.55
C LEU C 167 -21.65 2.89 8.83
N GLY C 168 -22.86 3.40 9.06
CA GLY C 168 -24.06 2.89 8.40
C GLY C 168 -23.92 2.80 6.89
N VAL C 169 -23.48 3.91 6.30
CA VAL C 169 -23.22 3.99 4.87
C VAL C 169 -22.13 3.00 4.49
N ARG C 170 -21.08 2.91 5.32
CA ARG C 170 -19.97 2.00 5.00
C ARG C 170 -20.40 0.54 4.80
N VAL C 171 -21.46 0.13 5.51
CA VAL C 171 -21.98 -1.22 5.40
C VAL C 171 -22.75 -1.34 4.10
N CYS C 172 -23.61 -0.35 3.86
CA CYS C 172 -24.45 -0.35 2.65
C CYS C 172 -23.58 -0.44 1.43
N GLU C 173 -22.54 0.38 1.41
CA GLU C 173 -21.55 0.34 0.36
C GLU C 173 -21.22 -1.09 0.07
N LYS C 174 -20.87 -1.86 1.12
CA LYS C 174 -20.45 -3.24 0.92
C LYS C 174 -21.56 -4.10 0.32
N MET C 175 -22.81 -3.85 0.73
CA MET C 175 -23.93 -4.63 0.19
C MET C 175 -23.96 -4.49 -1.32
N ALA C 176 -23.96 -3.24 -1.76
CA ALA C 176 -24.05 -2.86 -3.16
C ALA C 176 -22.86 -3.36 -3.99
N LEU C 177 -21.65 -3.15 -3.46
CA LEU C 177 -20.41 -3.22 -4.28
C LEU C 177 -19.43 -4.36 -4.01
N TYR C 178 -19.39 -4.89 -2.78
CA TYR C 178 -18.37 -5.86 -2.40
C TYR C 178 -18.09 -6.94 -3.45
N ASP C 179 -19.12 -7.53 -4.02
CA ASP C 179 -18.89 -8.62 -4.96
C ASP C 179 -18.23 -8.12 -6.25
N ILE C 180 -18.56 -6.90 -6.65
CA ILE C 180 -17.89 -6.28 -7.80
C ILE C 180 -16.40 -6.17 -7.51
N THR C 181 -16.07 -5.59 -6.35
CA THR C 181 -14.66 -5.38 -5.96
C THR C 181 -13.89 -6.70 -6.00
N GLN C 182 -14.54 -7.78 -5.63
CA GLN C 182 -13.92 -9.09 -5.70
C GLN C 182 -13.77 -9.65 -7.12
N LYS C 183 -14.58 -9.17 -8.07
CA LYS C 183 -14.64 -9.78 -9.41
C LYS C 183 -14.10 -8.90 -10.55
N LEU C 184 -14.31 -7.60 -10.44
CA LEU C 184 -14.17 -6.70 -11.59
C LEU C 184 -12.73 -6.47 -12.04
N PRO C 185 -11.87 -5.91 -11.14
CA PRO C 185 -10.47 -5.72 -11.54
C PRO C 185 -9.90 -6.90 -12.28
N GLN C 186 -9.91 -8.09 -11.69
CA GLN C 186 -9.33 -9.22 -12.39
C GLN C 186 -10.00 -9.38 -13.77
N ALA C 187 -11.28 -9.07 -13.88
CA ALA C 187 -11.98 -9.23 -15.14
C ALA C 187 -11.42 -8.26 -16.16
N VAL C 188 -11.54 -6.96 -15.92
CA VAL C 188 -11.07 -5.95 -16.86
C VAL C 188 -9.55 -5.89 -17.09
N MET C 189 -8.73 -6.35 -16.12
CA MET C 189 -7.27 -6.11 -16.16
C MET C 189 -6.40 -7.34 -16.27
N GLY C 190 -6.94 -8.51 -15.97
CA GLY C 190 -6.20 -9.75 -16.15
C GLY C 190 -4.90 -9.83 -15.38
N ALA C 191 -3.84 -10.24 -16.08
CA ALA C 191 -2.49 -10.29 -15.51
C ALA C 191 -2.03 -8.93 -14.90
N SER C 192 -2.47 -7.81 -15.46
CA SER C 192 -2.03 -6.50 -14.98
C SER C 192 -2.52 -6.07 -13.59
N TYR C 193 -3.44 -6.82 -12.99
CA TYR C 193 -3.97 -6.43 -11.70
C TYR C 193 -2.99 -6.80 -10.60
N GLY C 194 -2.42 -5.80 -9.94
CA GLY C 194 -1.23 -5.97 -9.08
C GLY C 194 -1.44 -6.73 -7.77
N PHE C 195 -2.55 -6.42 -7.10
CA PHE C 195 -2.89 -7.03 -5.80
C PHE C 195 -3.01 -8.55 -5.88
N GLN C 196 -3.34 -9.09 -7.05
CA GLN C 196 -3.46 -10.56 -7.20
C GLN C 196 -2.15 -11.35 -7.00
N TYR C 197 -1.07 -10.72 -6.59
CA TYR C 197 0.23 -11.37 -6.60
C TYR C 197 0.96 -11.27 -5.27
N SER C 198 1.61 -12.36 -4.89
CA SER C 198 2.56 -12.34 -3.78
C SER C 198 3.81 -11.56 -4.16
N PRO C 199 4.50 -10.99 -3.16
CA PRO C 199 5.79 -10.37 -3.44
C PRO C 199 6.66 -11.22 -4.36
N ALA C 200 6.63 -12.53 -4.13
CA ALA C 200 7.44 -13.45 -4.91
C ALA C 200 6.90 -13.61 -6.32
N GLN C 201 5.59 -13.62 -6.49
CA GLN C 201 5.02 -13.71 -7.83
C GLN C 201 5.18 -12.43 -8.63
N ARG C 202 5.15 -11.30 -7.95
CA ARG C 202 5.38 -10.02 -8.60
C ARG C 202 6.73 -10.10 -9.27
N VAL C 203 7.73 -10.55 -8.51
CA VAL C 203 9.08 -10.70 -9.05
C VAL C 203 9.07 -11.63 -10.27
N GLU C 204 8.50 -12.81 -10.13
CA GLU C 204 8.39 -13.74 -11.26
C GLU C 204 7.71 -13.09 -12.47
N TYR C 205 6.65 -12.33 -12.21
CA TYR C 205 5.92 -11.62 -13.26
C TYR C 205 6.82 -10.62 -13.95
N LEU C 206 7.42 -9.72 -13.15
CA LEU C 206 8.31 -8.70 -13.68
C LEU C 206 9.38 -9.36 -14.53
N LEU C 207 10.06 -10.34 -13.98
CA LEU C 207 11.07 -11.07 -14.74
C LEU C 207 10.55 -11.71 -16.04
N LYS C 208 9.36 -12.30 -16.03
CA LYS C 208 8.85 -12.96 -17.25
C LYS C 208 8.64 -11.88 -18.32
N ALA C 209 8.13 -10.72 -17.91
CA ALA C 209 7.83 -9.63 -18.83
C ALA C 209 9.13 -9.21 -19.47
N TRP C 210 10.05 -8.82 -18.61
CA TRP C 210 11.34 -8.37 -19.05
C TRP C 210 11.99 -9.30 -20.02
N ALA C 211 11.88 -10.61 -19.76
CA ALA C 211 12.58 -11.61 -20.58
C ALA C 211 11.97 -11.71 -21.96
N GLU C 212 10.65 -11.62 -22.04
CA GLU C 212 10.00 -11.80 -23.33
C GLU C 212 10.05 -10.57 -24.28
N LYS C 213 10.60 -9.44 -23.85
CA LYS C 213 10.95 -8.39 -24.80
C LYS C 213 12.30 -8.76 -25.42
N LYS C 214 12.43 -8.59 -26.73
CA LYS C 214 13.74 -8.76 -27.39
C LYS C 214 14.72 -7.71 -26.86
N ASP C 215 14.20 -6.55 -26.46
CA ASP C 215 15.07 -5.43 -26.07
C ASP C 215 14.31 -4.51 -25.10
N PRO C 216 14.30 -4.89 -23.81
CA PRO C 216 13.36 -4.33 -22.88
C PRO C 216 13.69 -2.92 -22.46
N MET C 217 12.64 -2.17 -22.19
CA MET C 217 12.72 -0.91 -21.47
C MET C 217 11.60 -0.99 -20.49
N GLY C 218 11.78 -0.36 -19.34
CA GLY C 218 10.71 -0.23 -18.38
C GLY C 218 10.69 1.15 -17.78
N PHE C 219 9.56 1.53 -17.21
CA PHE C 219 9.49 2.74 -16.43
C PHE C 219 8.30 2.62 -15.50
N SER C 220 8.17 3.56 -14.58
CA SER C 220 7.10 3.55 -13.64
C SER C 220 6.53 4.94 -13.43
N TYR C 221 5.22 5.02 -13.24
CA TYR C 221 4.51 6.27 -13.18
C TYR C 221 3.90 6.42 -11.81
N ASP C 222 3.98 7.63 -11.26
CA ASP C 222 3.53 7.90 -9.89
C ASP C 222 2.73 9.21 -9.80
N THR C 223 1.82 9.28 -8.82
CA THR C 223 1.22 10.53 -8.38
C THR C 223 0.96 10.43 -6.85
N ARG C 224 1.71 11.19 -6.05
CA ARG C 224 1.56 11.15 -4.58
C ARG C 224 0.15 11.58 -4.19
N CYS C 225 -0.41 12.52 -4.96
CA CYS C 225 -1.76 13.06 -4.78
C CYS C 225 -2.68 12.66 -5.92
N PHE C 226 -3.07 11.39 -5.98
CA PHE C 226 -3.90 10.88 -7.08
C PHE C 226 -5.39 11.09 -6.86
N ASP C 227 -5.87 10.82 -5.65
CA ASP C 227 -7.28 11.07 -5.31
C ASP C 227 -7.74 12.46 -5.75
N SER C 228 -6.85 13.44 -5.62
CA SER C 228 -7.16 14.78 -6.08
C SER C 228 -7.37 14.86 -7.58
N THR C 229 -6.59 14.12 -8.37
CA THR C 229 -6.74 14.23 -9.82
C THR C 229 -7.96 13.55 -10.40
N VAL C 230 -8.71 12.79 -9.60
CA VAL C 230 -9.91 12.09 -10.10
C VAL C 230 -11.07 13.09 -10.30
N THR C 231 -11.65 13.09 -11.48
CA THR C 231 -12.72 14.02 -11.81
C THR C 231 -14.10 13.38 -11.74
N GLU C 232 -15.07 14.23 -11.52
CA GLU C 232 -16.44 13.79 -11.30
C GLU C 232 -16.85 12.92 -12.49
N ARG C 233 -16.37 13.28 -13.67
CA ARG C 233 -16.61 12.46 -14.85
C ARG C 233 -15.99 11.08 -14.70
N ASP C 234 -14.75 11.03 -14.23
CA ASP C 234 -14.04 9.77 -14.05
C ASP C 234 -14.85 8.80 -13.22
N ILE C 235 -15.33 9.32 -12.10
CA ILE C 235 -16.14 8.56 -11.15
C ILE C 235 -17.38 8.03 -11.84
N ARG C 236 -18.13 8.91 -12.53
CA ARG C 236 -19.32 8.48 -13.29
C ARG C 236 -18.96 7.47 -14.36
N THR C 237 -17.81 7.68 -15.01
CA THR C 237 -17.31 6.71 -15.98
C THR C 237 -17.01 5.37 -15.28
N GLU C 238 -16.68 5.42 -13.98
CA GLU C 238 -16.55 4.21 -13.19
C GLU C 238 -17.90 3.51 -13.03
N GLU C 239 -18.93 4.24 -12.56
CA GLU C 239 -20.27 3.68 -12.49
C GLU C 239 -20.63 3.03 -13.80
N SER C 240 -20.35 3.78 -14.87
CA SER C 240 -20.53 3.32 -16.23
C SER C 240 -19.95 1.92 -16.38
N ILE C 241 -18.76 1.74 -15.83
CA ILE C 241 -18.08 0.44 -15.89
C ILE C 241 -18.72 -0.57 -14.97
N TYR C 242 -19.15 -0.12 -13.78
CA TYR C 242 -19.80 -1.00 -12.79
C TYR C 242 -21.08 -1.58 -13.35
N GLN C 243 -21.96 -0.69 -13.81
CA GLN C 243 -23.23 -1.08 -14.43
C GLN C 243 -23.01 -1.95 -15.68
N ALA C 244 -21.87 -1.85 -16.32
CA ALA C 244 -21.58 -2.72 -17.46
C ALA C 244 -21.65 -4.22 -17.11
N CYS C 245 -21.77 -4.53 -15.82
CA CYS C 245 -21.82 -5.91 -15.35
C CYS C 245 -23.25 -6.42 -15.32
N SER C 246 -23.38 -7.71 -15.03
CA SER C 246 -24.67 -8.34 -14.88
C SER C 246 -25.11 -8.20 -13.42
N LEU C 247 -26.11 -7.34 -13.19
CA LEU C 247 -26.52 -6.93 -11.84
C LEU C 247 -28.03 -6.97 -11.56
N PRO C 248 -28.40 -7.37 -10.33
CA PRO C 248 -29.65 -7.02 -9.68
C PRO C 248 -30.07 -5.55 -9.83
N GLU C 249 -31.34 -5.34 -10.16
CA GLU C 249 -31.87 -4.00 -10.38
C GLU C 249 -31.74 -3.13 -9.11
N GLU C 250 -31.80 -3.80 -7.96
CA GLU C 250 -31.70 -3.12 -6.68
C GLU C 250 -30.28 -2.63 -6.47
N ALA C 251 -29.34 -3.44 -6.96
CA ALA C 251 -27.92 -3.09 -6.96
C ALA C 251 -27.72 -1.82 -7.78
N ARG C 252 -28.22 -1.85 -9.02
CA ARG C 252 -28.02 -0.75 -9.97
C ARG C 252 -28.50 0.58 -9.42
N THR C 253 -29.66 0.58 -8.79
CA THR C 253 -30.17 1.84 -8.24
C THR C 253 -29.22 2.35 -7.19
N ALA C 254 -28.73 1.42 -6.37
CA ALA C 254 -27.95 1.76 -5.19
C ALA C 254 -26.54 2.20 -5.56
N ILE C 255 -25.91 1.47 -6.49
CA ILE C 255 -24.66 1.89 -7.03
C ILE C 255 -24.78 3.32 -7.54
N HIS C 256 -25.76 3.55 -8.43
CA HIS C 256 -25.97 4.89 -8.97
C HIS C 256 -26.17 5.92 -7.90
N SER C 257 -26.92 5.56 -6.86
CA SER C 257 -27.24 6.54 -5.84
C SER C 257 -26.01 6.86 -4.99
N LEU C 258 -25.18 5.84 -4.75
CA LEU C 258 -23.94 6.06 -3.99
C LEU C 258 -22.99 6.95 -4.80
N THR C 259 -22.86 6.62 -6.08
CA THR C 259 -22.10 7.43 -7.02
C THR C 259 -22.44 8.91 -6.88
N GLU C 260 -23.72 9.23 -7.05
CA GLU C 260 -24.12 10.63 -7.07
C GLU C 260 -24.04 11.27 -5.70
N ARG C 261 -24.34 10.50 -4.65
CA ARG C 261 -24.48 11.10 -3.33
C ARG C 261 -23.19 11.07 -2.54
N LEU C 262 -22.30 10.13 -2.88
CA LEU C 262 -21.09 9.91 -2.08
C LEU C 262 -19.84 10.01 -2.92
N TYR C 263 -19.72 9.14 -3.90
CA TYR C 263 -18.48 8.99 -4.64
C TYR C 263 -18.06 10.25 -5.42
N VAL C 264 -18.97 10.75 -6.24
CA VAL C 264 -18.78 12.02 -6.96
C VAL C 264 -18.38 13.23 -6.09
N GLY C 265 -18.76 13.24 -4.82
CA GLY C 265 -18.38 14.34 -3.97
C GLY C 265 -19.29 14.53 -2.79
N GLY C 266 -19.18 15.68 -2.15
CA GLY C 266 -20.04 16.01 -1.03
C GLY C 266 -19.36 16.93 -0.07
N PRO C 267 -20.07 17.33 0.99
CA PRO C 267 -19.49 18.16 2.04
C PRO C 267 -18.57 17.38 2.97
N MET C 268 -17.89 18.10 3.85
CA MET C 268 -16.90 17.54 4.75
C MET C 268 -17.00 18.24 6.09
N PHE C 269 -17.15 17.45 7.15
CA PHE C 269 -17.21 18.00 8.49
C PHE C 269 -16.02 17.51 9.29
N ASN C 270 -15.67 18.24 10.33
CA ASN C 270 -14.55 17.85 11.18
C ASN C 270 -15.04 17.04 12.39
N SER C 271 -14.09 16.63 13.24
CA SER C 271 -14.40 15.89 14.47
C SER C 271 -15.36 16.68 15.32
N LYS C 272 -15.01 17.94 15.57
CA LYS C 272 -15.84 18.82 16.37
C LYS C 272 -17.14 19.26 15.64
N GLY C 273 -17.58 18.54 14.62
CA GLY C 273 -18.88 18.81 14.00
C GLY C 273 -18.94 19.89 12.91
N GLN C 274 -18.17 20.96 13.08
CA GLN C 274 -18.11 22.07 12.12
C GLN C 274 -18.02 21.66 10.64
N THR C 275 -18.46 22.54 9.74
CA THR C 275 -18.30 22.33 8.29
C THR C 275 -16.91 22.75 7.85
N CYS C 276 -16.25 21.89 7.07
CA CYS C 276 -14.83 22.04 6.82
C CYS C 276 -14.55 22.30 5.37
N GLY C 277 -15.41 21.81 4.50
CA GLY C 277 -15.18 22.01 3.09
C GLY C 277 -16.17 21.30 2.23
N TYR C 278 -15.82 21.13 0.96
CA TYR C 278 -16.64 20.36 0.04
C TYR C 278 -15.67 19.73 -0.92
N ARG C 279 -15.96 18.49 -1.32
CA ARG C 279 -15.04 17.69 -2.10
C ARG C 279 -15.61 17.39 -3.45
N ARG C 280 -14.79 17.47 -4.49
CA ARG C 280 -15.25 17.09 -5.83
C ARG C 280 -14.31 16.08 -6.50
N CYS C 281 -13.46 15.47 -5.69
CA CYS C 281 -12.60 14.38 -6.14
C CYS C 281 -12.89 13.14 -5.31
N ARG C 282 -12.11 12.08 -5.53
CA ARG C 282 -12.14 10.82 -4.75
C ARG C 282 -12.07 11.04 -3.24
N ALA C 283 -12.93 10.33 -2.51
CA ALA C 283 -12.80 10.25 -1.06
C ALA C 283 -11.93 9.03 -0.75
N SER C 284 -10.96 9.24 0.13
CA SER C 284 -9.99 8.22 0.47
C SER C 284 -10.59 7.04 1.27
N GLY C 285 -11.56 7.32 2.14
CA GLY C 285 -12.11 6.28 3.02
C GLY C 285 -13.25 5.39 2.52
N VAL C 286 -13.59 5.44 1.24
CA VAL C 286 -14.76 4.68 0.75
C VAL C 286 -14.31 3.36 0.14
N LEU C 287 -15.25 2.45 -0.07
CA LEU C 287 -14.94 1.07 -0.47
C LEU C 287 -14.26 1.02 -1.82
N THR C 288 -14.81 1.78 -2.77
CA THR C 288 -14.36 1.74 -4.16
C THR C 288 -13.02 2.44 -4.43
N THR C 289 -12.49 3.16 -3.43
CA THR C 289 -11.20 3.87 -3.58
C THR C 289 -10.17 3.02 -4.30
N SER C 290 -9.81 1.88 -3.72
CA SER C 290 -8.79 1.04 -4.34
C SER C 290 -9.23 0.50 -5.70
N MET C 291 -10.50 0.16 -5.86
CA MET C 291 -10.98 -0.41 -7.12
C MET C 291 -10.99 0.65 -8.20
N GLY C 292 -11.60 1.79 -7.88
CA GLY C 292 -11.60 2.94 -8.77
C GLY C 292 -10.20 3.31 -9.21
N ASN C 293 -9.37 3.70 -8.24
CA ASN C 293 -8.00 4.07 -8.57
C ASN C 293 -7.36 3.06 -9.52
N THR C 294 -7.36 1.80 -9.14
CA THR C 294 -6.80 0.79 -10.02
C THR C 294 -7.35 0.87 -11.43
N ILE C 295 -8.69 0.90 -11.56
CA ILE C 295 -9.34 0.76 -12.87
C ILE C 295 -9.13 2.00 -13.73
N THR C 296 -9.48 3.15 -13.16
CA THR C 296 -9.25 4.43 -13.78
C THR C 296 -7.82 4.56 -14.30
N CYS C 297 -6.85 4.56 -13.39
CA CYS C 297 -5.46 4.63 -13.77
C CYS C 297 -5.15 3.65 -14.90
N TYR C 298 -5.72 2.46 -14.87
CA TYR C 298 -5.48 1.52 -15.96
C TYR C 298 -5.96 2.02 -17.32
N VAL C 299 -7.14 2.64 -17.37
CA VAL C 299 -7.68 3.18 -18.63
C VAL C 299 -6.73 4.24 -19.17
N LYS C 300 -6.48 5.25 -18.35
CA LYS C 300 -5.66 6.38 -18.76
C LYS C 300 -4.26 5.92 -19.23
N ALA C 301 -3.49 5.34 -18.30
CA ALA C 301 -2.21 4.68 -18.61
C ALA C 301 -2.20 3.95 -19.94
N LEU C 302 -3.20 3.11 -20.16
CA LEU C 302 -3.20 2.26 -21.36
C LEU C 302 -3.50 3.06 -22.61
N ALA C 303 -4.34 4.08 -22.46
CA ALA C 303 -4.60 5.04 -23.52
C ALA C 303 -3.32 5.79 -23.82
N ALA C 304 -2.68 6.32 -22.77
CA ALA C 304 -1.44 7.09 -22.92
C ALA C 304 -0.35 6.24 -23.61
N CYS C 305 -0.30 4.96 -23.30
CA CYS C 305 0.68 4.09 -23.96
C CYS C 305 0.45 4.09 -25.44
N LYS C 306 -0.82 4.22 -25.84
CA LYS C 306 -1.20 4.23 -27.25
C LYS C 306 -0.95 5.60 -27.90
N ALA C 307 -1.27 6.68 -27.19
CA ALA C 307 -0.87 8.00 -27.65
C ALA C 307 0.64 8.01 -27.88
N ALA C 308 1.39 7.60 -26.87
CA ALA C 308 2.84 7.72 -26.87
C ALA C 308 3.53 6.74 -27.80
N GLY C 309 2.83 5.68 -28.20
CA GLY C 309 3.43 4.72 -29.12
C GLY C 309 4.34 3.68 -28.47
N ILE C 310 4.15 3.45 -27.18
CA ILE C 310 4.92 2.42 -26.48
C ILE C 310 4.60 1.09 -27.15
N VAL C 311 5.62 0.37 -27.61
CA VAL C 311 5.43 -0.94 -28.25
C VAL C 311 5.36 -2.11 -27.27
N ALA C 312 4.38 -2.97 -27.46
CA ALA C 312 4.28 -4.26 -26.75
C ALA C 312 4.36 -4.13 -25.23
N PRO C 313 3.59 -3.19 -24.65
CA PRO C 313 3.62 -2.92 -23.22
C PRO C 313 3.13 -4.07 -22.39
N THR C 314 3.73 -4.27 -21.22
CA THR C 314 3.21 -5.12 -20.17
C THR C 314 3.12 -4.28 -18.89
N MET C 315 1.92 -4.20 -18.31
CA MET C 315 1.70 -3.35 -17.16
C MET C 315 1.50 -4.12 -15.87
N LEU C 316 1.54 -3.36 -14.78
CA LEU C 316 1.25 -3.86 -13.45
C LEU C 316 0.71 -2.66 -12.71
N VAL C 317 -0.46 -2.80 -12.10
CA VAL C 317 -1.12 -1.64 -11.48
C VAL C 317 -1.58 -1.94 -10.05
N CYS C 318 -1.21 -1.08 -9.11
CA CYS C 318 -1.69 -1.18 -7.74
C CYS C 318 -2.18 0.21 -7.33
N GLY C 319 -3.47 0.46 -7.50
CA GLY C 319 -4.01 1.80 -7.28
C GLY C 319 -3.27 2.78 -8.18
N ASP C 320 -2.75 3.86 -7.60
CA ASP C 320 -1.93 4.86 -8.31
C ASP C 320 -0.65 4.29 -8.96
N ASP C 321 -0.04 3.31 -8.31
CA ASP C 321 1.28 2.79 -8.72
C ASP C 321 1.23 1.92 -9.95
N LEU C 322 2.13 2.21 -10.89
CA LEU C 322 2.09 1.69 -12.24
C LEU C 322 3.49 1.37 -12.78
N VAL C 323 3.66 0.22 -13.40
CA VAL C 323 4.93 -0.12 -14.04
C VAL C 323 4.63 -0.67 -15.43
N VAL C 324 5.35 -0.18 -16.44
CA VAL C 324 5.20 -0.63 -17.82
C VAL C 324 6.51 -1.18 -18.32
N ILE C 325 6.46 -2.32 -19.01
CA ILE C 325 7.67 -2.96 -19.57
C ILE C 325 7.45 -3.31 -21.05
N SER C 326 8.09 -2.51 -21.92
CA SER C 326 7.84 -2.53 -23.35
C SER C 326 9.08 -2.89 -24.15
N GLU C 327 8.96 -2.80 -25.47
CA GLU C 327 10.09 -2.94 -26.41
C GLU C 327 10.70 -1.60 -26.69
N SER C 328 12.04 -1.53 -26.66
CA SER C 328 12.70 -0.24 -26.88
C SER C 328 12.68 0.13 -28.35
N GLN C 329 12.53 1.43 -28.62
CA GLN C 329 12.60 2.00 -29.96
C GLN C 329 13.88 2.82 -30.07
N GLY C 330 14.96 2.27 -29.51
CA GLY C 330 16.16 3.05 -29.24
C GLY C 330 15.91 4.10 -28.17
N THR C 331 17.00 4.56 -27.58
CA THR C 331 16.89 5.46 -26.45
C THR C 331 16.31 6.81 -26.86
N GLU C 332 16.69 7.29 -28.05
CA GLU C 332 16.21 8.58 -28.54
C GLU C 332 14.67 8.65 -28.66
N GLU C 333 14.07 7.62 -29.28
CA GLU C 333 12.60 7.56 -29.37
C GLU C 333 11.99 7.32 -27.99
N ASP C 334 12.56 6.35 -27.27
CA ASP C 334 12.12 6.07 -25.89
C ASP C 334 11.95 7.34 -25.04
N GLU C 335 12.93 8.24 -25.04
CA GLU C 335 12.79 9.47 -24.26
C GLU C 335 11.58 10.27 -24.71
N ARG C 336 11.32 10.29 -26.02
CA ARG C 336 10.21 11.09 -26.59
C ARG C 336 8.87 10.48 -26.20
N ASN C 337 8.72 9.20 -26.51
CA ASN C 337 7.53 8.44 -26.13
C ASN C 337 7.16 8.59 -24.65
N LEU C 338 8.16 8.63 -23.79
CA LEU C 338 7.87 8.80 -22.38
C LEU C 338 7.32 10.21 -22.12
N ARG C 339 7.83 11.22 -22.82
CA ARG C 339 7.32 12.59 -22.65
C ARG C 339 5.88 12.65 -23.17
N ALA C 340 5.65 12.01 -24.32
CA ALA C 340 4.30 11.90 -24.90
C ALA C 340 3.32 11.33 -23.87
N PHE C 341 3.61 10.12 -23.39
CA PHE C 341 2.88 9.49 -22.29
C PHE C 341 2.56 10.50 -21.20
N THR C 342 3.60 11.13 -20.67
CA THR C 342 3.41 12.15 -19.64
C THR C 342 2.48 13.31 -20.08
N GLU C 343 2.57 13.73 -21.33
CA GLU C 343 1.62 14.73 -21.83
C GLU C 343 0.19 14.14 -21.81
N ALA C 344 0.00 13.01 -22.47
CA ALA C 344 -1.29 12.32 -22.52
C ALA C 344 -1.92 12.16 -21.13
N MET C 345 -1.17 11.61 -20.19
CA MET C 345 -1.72 11.47 -18.84
C MET C 345 -2.13 12.83 -18.31
N THR C 346 -1.32 13.85 -18.54
CA THR C 346 -1.63 15.19 -18.03
C THR C 346 -2.95 15.73 -18.60
N ARG C 347 -3.22 15.41 -19.86
CA ARG C 347 -4.48 15.79 -20.48
C ARG C 347 -5.61 14.97 -19.92
N TYR C 348 -5.34 13.70 -19.65
CA TYR C 348 -6.28 12.84 -18.97
C TYR C 348 -6.51 13.19 -17.49
N SER C 349 -5.77 14.15 -16.96
CA SER C 349 -5.86 14.60 -15.57
C SER C 349 -5.33 13.57 -14.59
N ALA C 350 -4.05 13.24 -14.76
CA ALA C 350 -3.35 12.32 -13.90
C ALA C 350 -1.86 12.61 -14.06
N PRO C 351 -1.45 13.86 -13.77
CA PRO C 351 -0.05 14.24 -13.93
C PRO C 351 0.81 13.71 -12.79
N PRO C 352 2.13 13.62 -12.99
CA PRO C 352 2.98 12.96 -12.01
C PRO C 352 3.78 13.94 -11.18
N GLY C 353 4.42 13.39 -10.14
CA GLY C 353 5.40 14.13 -9.33
C GLY C 353 6.67 14.19 -10.15
N ASP C 354 7.75 13.58 -9.66
CA ASP C 354 8.94 13.42 -10.47
C ASP C 354 8.48 12.70 -11.76
N PRO C 355 8.92 13.18 -12.94
CA PRO C 355 8.40 12.59 -14.17
C PRO C 355 9.17 11.35 -14.53
N PRO C 356 8.64 10.55 -15.46
CA PRO C 356 9.26 9.27 -15.73
C PRO C 356 10.53 9.44 -16.51
N ARG C 357 11.40 8.45 -16.38
CA ARG C 357 12.57 8.33 -17.22
C ARG C 357 12.69 6.86 -17.64
N PRO C 358 13.15 6.58 -18.86
CA PRO C 358 13.27 5.17 -19.25
C PRO C 358 14.51 4.51 -18.65
N GLU C 359 14.37 3.23 -18.29
CA GLU C 359 15.45 2.48 -17.68
C GLU C 359 15.64 1.15 -18.38
N TYR C 360 16.88 0.66 -18.42
CA TYR C 360 17.18 -0.54 -19.22
C TYR C 360 17.72 -1.68 -18.36
N ASP C 361 17.56 -1.54 -17.05
CA ASP C 361 18.04 -2.51 -16.07
C ASP C 361 16.95 -2.57 -15.02
N LEU C 362 16.50 -3.80 -14.72
CA LEU C 362 15.33 -4.03 -13.88
C LEU C 362 15.45 -3.54 -12.47
N GLU C 363 16.67 -3.49 -11.94
CA GLU C 363 16.88 -3.07 -10.55
C GLU C 363 16.53 -1.61 -10.28
N LEU C 364 16.64 -0.77 -11.30
CA LEU C 364 16.35 0.65 -11.19
C LEU C 364 14.89 1.06 -11.32
N ILE C 365 13.94 0.14 -11.27
CA ILE C 365 12.51 0.50 -11.41
C ILE C 365 11.76 0.28 -10.11
N THR C 366 11.40 1.37 -9.43
CA THR C 366 10.63 1.27 -8.16
C THR C 366 9.13 1.01 -8.37
N SER C 367 8.68 -0.22 -8.09
CA SER C 367 7.26 -0.58 -8.10
C SER C 367 6.75 -0.70 -6.67
N CYS C 368 5.73 0.08 -6.30
CA CYS C 368 5.01 -0.12 -5.02
C CYS C 368 5.90 0.17 -3.80
N SER C 369 6.55 1.33 -3.83
CA SER C 369 7.54 1.73 -2.79
C SER C 369 8.58 0.64 -2.54
N SER C 370 8.89 -0.14 -3.58
CA SER C 370 9.78 -1.31 -3.49
C SER C 370 10.42 -1.60 -4.86
N ASN C 371 11.26 -2.63 -4.94
CA ASN C 371 11.97 -2.93 -6.19
C ASN C 371 12.69 -4.27 -6.19
N VAL C 372 12.98 -4.78 -7.38
CA VAL C 372 13.65 -6.05 -7.48
C VAL C 372 15.17 -5.89 -7.42
N SER C 373 15.83 -6.82 -6.76
CA SER C 373 17.27 -6.86 -6.81
C SER C 373 17.68 -8.30 -6.84
N VAL C 374 18.98 -8.54 -6.96
CA VAL C 374 19.52 -9.87 -7.12
C VAL C 374 20.63 -10.10 -6.12
N ALA C 375 20.72 -11.34 -5.63
CA ALA C 375 21.93 -11.84 -4.95
C ALA C 375 22.16 -13.28 -5.37
N LEU C 376 23.20 -13.88 -4.84
CA LEU C 376 23.57 -15.25 -5.19
C LEU C 376 23.04 -16.21 -4.16
N GLY C 377 22.54 -17.33 -4.64
CA GLY C 377 22.01 -18.37 -3.78
C GLY C 377 23.07 -19.35 -3.31
N PRO C 378 22.61 -20.45 -2.68
CA PRO C 378 23.48 -21.41 -2.02
C PRO C 378 24.35 -22.19 -3.01
N ARG C 379 23.73 -22.65 -4.10
CA ARG C 379 24.46 -23.37 -5.16
C ARG C 379 25.17 -22.38 -6.10
N GLY C 380 24.97 -21.08 -5.88
CA GLY C 380 25.69 -20.03 -6.62
C GLY C 380 24.92 -19.41 -7.78
N ARG C 381 23.67 -19.82 -7.96
CA ARG C 381 22.80 -19.29 -9.03
C ARG C 381 22.32 -17.85 -8.67
N ARG C 382 22.02 -16.99 -9.65
CA ARG C 382 21.40 -15.70 -9.33
C ARG C 382 20.02 -15.98 -8.78
N ARG C 383 19.65 -15.34 -7.66
CA ARG C 383 18.29 -15.44 -7.08
C ARG C 383 17.74 -14.02 -6.92
N TYR C 384 16.51 -13.80 -7.42
CA TYR C 384 15.92 -12.46 -7.47
C TYR C 384 14.85 -12.31 -6.36
N TYR C 385 14.70 -11.10 -5.82
CA TYR C 385 13.83 -10.87 -4.69
C TYR C 385 13.41 -9.43 -4.57
N LEU C 386 12.36 -9.19 -3.79
CA LEU C 386 11.82 -7.84 -3.62
C LEU C 386 12.52 -7.15 -2.45
N THR C 387 12.59 -5.82 -2.50
CA THR C 387 13.29 -5.04 -1.47
C THR C 387 12.92 -3.56 -1.55
N ARG C 388 13.51 -2.75 -0.68
CA ARG C 388 13.24 -1.31 -0.65
C ARG C 388 14.21 -0.50 0.18
N ASP C 389 14.10 0.82 0.06
CA ASP C 389 14.79 1.71 0.96
C ASP C 389 14.29 1.34 2.35
N PRO C 390 15.21 1.13 3.30
CA PRO C 390 14.87 0.75 4.66
C PRO C 390 14.65 1.92 5.61
N THR C 391 14.72 3.13 5.11
CA THR C 391 14.61 4.30 5.97
C THR C 391 13.32 4.26 6.79
N THR C 392 12.18 4.38 6.14
CA THR C 392 10.92 4.35 6.87
C THR C 392 10.78 3.13 7.80
N PRO C 393 11.10 1.91 7.31
CA PRO C 393 11.03 0.76 8.22
C PRO C 393 11.89 0.92 9.47
N LEU C 394 13.11 1.42 9.32
CA LEU C 394 13.94 1.71 10.48
C LEU C 394 13.35 2.82 11.35
N ALA C 395 12.91 3.90 10.74
CA ALA C 395 12.21 4.96 11.46
C ALA C 395 11.11 4.41 12.35
N ARG C 396 10.28 3.57 11.77
CA ARG C 396 9.14 3.06 12.49
C ARG C 396 9.54 2.04 13.53
N ALA C 397 10.64 1.34 13.28
CA ALA C 397 11.20 0.44 14.26
C ALA C 397 11.75 1.18 15.49
N ALA C 398 11.81 2.51 15.46
CA ALA C 398 12.37 3.28 16.56
C ALA C 398 11.32 4.17 17.19
N TRP C 399 10.06 3.81 16.99
CA TRP C 399 8.94 4.60 17.47
C TRP C 399 8.30 3.99 18.69
N GLU C 400 8.46 4.66 19.84
CA GLU C 400 7.92 4.21 21.14
C GLU C 400 7.14 5.34 21.83
N THR C 401 5.82 5.20 21.97
CA THR C 401 5.01 6.14 22.75
C THR C 401 4.55 5.41 24.03
N VAL C 402 4.02 6.14 25.02
CA VAL C 402 3.32 5.48 26.14
C VAL C 402 2.32 4.44 25.65
N ARG C 403 1.68 4.72 24.53
CA ARG C 403 0.62 3.86 24.04
C ARG C 403 1.08 2.91 22.92
N HIS C 404 2.30 3.05 22.41
CA HIS C 404 2.74 2.30 21.22
C HIS C 404 4.08 1.60 21.32
N SER C 405 4.16 0.39 20.77
CA SER C 405 5.40 -0.39 20.75
C SER C 405 5.70 -0.84 19.32
N PRO C 406 6.97 -0.78 18.92
CA PRO C 406 7.33 -1.11 17.57
C PRO C 406 7.54 -2.58 17.29
N ILE C 407 7.44 -3.43 18.31
CA ILE C 407 7.90 -4.81 18.15
C ILE C 407 7.16 -5.42 16.98
N ASN C 408 5.89 -5.07 16.85
CA ASN C 408 5.06 -5.59 15.77
C ASN C 408 5.59 -5.24 14.39
N SER C 409 5.95 -3.98 14.16
CA SER C 409 6.48 -3.57 12.83
C SER C 409 7.79 -4.27 12.49
N TRP C 410 8.61 -4.56 13.49
CA TRP C 410 9.81 -5.34 13.26
C TRP C 410 9.41 -6.65 12.63
N LEU C 411 8.42 -7.28 13.24
CA LEU C 411 7.99 -8.62 12.81
C LEU C 411 7.39 -8.57 11.44
N GLY C 412 6.60 -7.53 11.18
CA GLY C 412 5.99 -7.32 9.89
C GLY C 412 7.07 -7.37 8.85
N ASN C 413 8.05 -6.47 8.98
CA ASN C 413 9.12 -6.40 8.03
C ASN C 413 9.96 -7.70 8.01
N ILE C 414 10.16 -8.36 9.16
CA ILE C 414 11.00 -9.56 9.12
C ILE C 414 10.36 -10.61 8.19
N ILE C 415 9.06 -10.74 8.27
CA ILE C 415 8.30 -11.60 7.37
C ILE C 415 8.33 -11.06 5.93
N GLN C 416 7.81 -9.84 5.72
CA GLN C 416 7.64 -9.34 4.36
C GLN C 416 8.97 -9.37 3.56
N TYR C 417 10.05 -8.95 4.20
CA TYR C 417 11.31 -8.71 3.51
C TYR C 417 12.44 -9.61 4.04
N ALA C 418 12.02 -10.76 4.57
CA ALA C 418 12.89 -11.83 5.03
C ALA C 418 14.21 -12.08 4.26
N PRO C 419 14.22 -11.86 2.93
CA PRO C 419 15.47 -12.13 2.21
C PRO C 419 16.40 -10.95 2.09
N THR C 420 15.95 -9.77 2.51
CA THR C 420 16.76 -8.58 2.32
C THR C 420 17.96 -8.68 3.22
N ILE C 421 19.06 -8.00 2.86
CA ILE C 421 20.21 -7.96 3.74
C ILE C 421 19.88 -7.20 5.02
N TRP C 422 19.04 -6.17 4.93
CA TRP C 422 18.71 -5.34 6.10
C TRP C 422 17.79 -6.00 7.09
N VAL C 423 16.82 -6.80 6.64
CA VAL C 423 16.05 -7.60 7.60
C VAL C 423 16.99 -8.61 8.24
N ARG C 424 17.77 -9.29 7.42
CA ARG C 424 18.53 -10.43 7.91
C ARG C 424 19.67 -10.07 8.84
N MET C 425 20.27 -8.90 8.64
CA MET C 425 21.42 -8.50 9.46
C MET C 425 21.03 -7.55 10.56
N VAL C 426 20.05 -6.70 10.31
CA VAL C 426 19.69 -5.66 11.27
C VAL C 426 18.45 -6.06 12.06
N LEU C 427 17.29 -6.06 11.41
CA LEU C 427 16.05 -6.25 12.15
C LEU C 427 15.99 -7.60 12.86
N MET C 428 16.32 -8.69 12.19
CA MET C 428 16.33 -10.02 12.85
C MET C 428 17.29 -10.05 14.05
N THR C 429 18.53 -9.60 13.87
CA THR C 429 19.48 -9.60 14.98
C THR C 429 18.89 -8.84 16.15
N HIS C 430 18.31 -7.68 15.88
CA HIS C 430 17.76 -6.83 16.95
C HIS C 430 16.55 -7.44 17.58
N PHE C 431 15.72 -8.05 16.75
CA PHE C 431 14.42 -8.55 17.19
C PHE C 431 14.59 -9.74 18.14
N PHE C 432 15.47 -10.66 17.81
CA PHE C 432 15.68 -11.80 18.67
C PHE C 432 16.47 -11.38 19.90
N SER C 433 17.46 -10.53 19.70
CA SER C 433 18.23 -10.02 20.82
C SER C 433 17.31 -9.41 21.85
N ILE C 434 16.30 -8.69 21.43
CA ILE C 434 15.41 -8.08 22.41
C ILE C 434 14.65 -9.14 23.17
N LEU C 435 13.95 -10.01 22.46
CA LEU C 435 13.03 -10.96 23.08
C LEU C 435 13.76 -11.97 23.95
N MET C 436 14.99 -12.32 23.59
CA MET C 436 15.78 -13.16 24.45
C MET C 436 15.85 -12.56 25.83
N VAL C 437 16.24 -11.29 25.89
CA VAL C 437 16.45 -10.61 27.16
C VAL C 437 15.13 -10.42 27.91
N GLN C 438 14.02 -10.19 27.21
CA GLN C 438 12.73 -10.16 27.91
C GLN C 438 12.26 -11.57 28.30
N ASP C 439 13.02 -12.59 27.89
CA ASP C 439 12.58 -13.98 27.92
C ASP C 439 11.09 -14.12 27.60
N THR C 440 10.74 -13.61 26.42
CA THR C 440 9.36 -13.57 25.91
C THR C 440 9.34 -14.07 24.47
N LEU C 441 10.10 -15.14 24.23
CA LEU C 441 10.37 -15.63 22.88
C LEU C 441 9.16 -16.32 22.25
N ASP C 442 8.34 -16.97 23.06
CA ASP C 442 7.18 -17.66 22.53
C ASP C 442 5.85 -16.96 22.80
N GLN C 443 5.88 -15.67 23.11
CA GLN C 443 4.66 -14.84 23.04
C GLN C 443 4.11 -14.81 21.61
N ASN C 444 2.85 -14.44 21.46
CA ASN C 444 2.29 -14.29 20.13
C ASN C 444 2.02 -12.83 19.83
N LEU C 445 2.77 -12.30 18.87
CA LEU C 445 2.64 -10.91 18.45
C LEU C 445 1.83 -10.91 17.16
N GLY C 446 0.74 -10.15 17.16
CA GLY C 446 -0.14 -10.04 16.00
C GLY C 446 -0.53 -11.38 15.40
N GLY C 447 -0.79 -12.35 16.28
CA GLY C 447 -1.06 -13.71 15.86
C GLY C 447 0.08 -14.36 15.08
N VAL C 448 1.33 -14.18 15.53
CA VAL C 448 2.47 -15.00 15.06
C VAL C 448 3.40 -15.40 16.20
N ASN C 449 3.90 -16.64 16.18
CA ASN C 449 4.88 -17.07 17.15
C ASN C 449 6.29 -17.04 16.57
N PRO C 450 7.15 -16.19 17.15
CA PRO C 450 8.50 -15.96 16.64
C PRO C 450 9.36 -17.19 16.47
N LEU C 451 9.13 -18.22 17.26
CA LEU C 451 9.91 -19.43 17.09
C LEU C 451 9.50 -20.23 15.82
N ASP C 452 8.42 -19.80 15.17
CA ASP C 452 7.95 -20.37 13.88
C ASP C 452 8.45 -19.63 12.64
N LEU C 453 9.29 -18.62 12.82
CA LEU C 453 9.74 -17.83 11.67
C LEU C 453 10.37 -18.70 10.58
N PRO C 454 11.40 -19.47 10.92
CA PRO C 454 12.04 -20.26 9.87
C PRO C 454 11.01 -20.99 9.00
N ALA C 455 10.07 -21.66 9.66
CA ALA C 455 8.95 -22.29 8.98
C ALA C 455 8.25 -21.29 8.10
N ILE C 456 7.64 -20.27 8.73
CA ILE C 456 6.90 -19.20 8.02
C ILE C 456 7.68 -18.64 6.85
N ILE C 457 8.96 -18.36 7.09
CA ILE C 457 9.84 -17.84 6.08
C ILE C 457 9.98 -18.83 4.93
N GLU C 458 10.38 -20.07 5.23
CA GLU C 458 10.54 -21.10 4.19
C GLU C 458 9.30 -21.23 3.30
N ARG C 459 8.12 -21.25 3.92
CA ARG C 459 6.89 -21.36 3.15
C ARG C 459 6.62 -20.15 2.23
N LEU C 460 6.84 -18.93 2.71
CA LEU C 460 6.53 -17.71 1.92
C LEU C 460 7.68 -17.26 0.97
N HIS C 461 8.92 -17.69 1.24
CA HIS C 461 10.10 -17.16 0.54
C HIS C 461 11.09 -18.18 0.03
N GLY C 462 11.19 -19.33 0.68
CA GLY C 462 12.06 -20.40 0.18
C GLY C 462 13.39 -20.52 0.91
N LEU C 463 13.80 -21.77 1.16
CA LEU C 463 15.09 -22.09 1.80
C LEU C 463 16.27 -21.23 1.35
N ASP C 464 16.22 -20.72 0.12
CA ASP C 464 17.31 -19.87 -0.37
C ASP C 464 17.42 -18.56 0.43
N ALA C 465 16.30 -18.10 0.98
CA ALA C 465 16.25 -16.89 1.79
C ALA C 465 17.07 -16.96 3.11
N PHE C 466 17.53 -18.14 3.47
CA PHE C 466 18.47 -18.31 4.59
C PHE C 466 19.91 -18.46 4.10
N SER C 467 20.15 -18.35 2.80
CA SER C 467 21.47 -18.67 2.23
C SER C 467 22.08 -17.63 1.28
N MET C 468 21.36 -16.53 1.05
CA MET C 468 21.76 -15.61 0.02
C MET C 468 22.92 -14.72 0.43
N HIS C 469 23.83 -14.50 -0.51
CA HIS C 469 25.03 -13.72 -0.28
C HIS C 469 25.42 -12.95 -1.54
N THR C 470 26.40 -12.04 -1.42
CA THR C 470 26.87 -11.25 -2.54
C THR C 470 25.70 -10.37 -2.97
N TYR C 471 25.26 -9.52 -2.07
CA TYR C 471 24.21 -8.57 -2.38
C TYR C 471 24.73 -7.47 -3.34
N SER C 472 23.82 -6.88 -4.11
CA SER C 472 24.19 -5.94 -5.15
C SER C 472 24.78 -4.64 -4.65
N HIS C 473 25.62 -4.01 -5.46
CA HIS C 473 26.19 -2.73 -5.10
C HIS C 473 25.13 -1.77 -4.66
N HIS C 474 24.05 -1.68 -5.44
CA HIS C 474 22.96 -0.77 -5.13
C HIS C 474 22.38 -0.98 -3.76
N GLU C 475 22.13 -2.24 -3.40
CA GLU C 475 21.48 -2.56 -2.12
C GLU C 475 22.45 -2.29 -0.98
N LEU C 476 23.68 -2.75 -1.15
CA LEU C 476 24.71 -2.55 -0.14
C LEU C 476 24.95 -1.07 0.09
N THR C 477 24.92 -0.24 -0.96
CA THR C 477 25.16 1.19 -0.79
C THR C 477 23.98 1.78 -0.06
N ARG C 478 22.78 1.39 -0.45
CA ARG C 478 21.58 1.98 0.10
C ARG C 478 21.42 1.66 1.59
N VAL C 479 21.72 0.42 1.98
CA VAL C 479 21.55 0.02 3.37
C VAL C 479 22.57 0.77 4.20
N ALA C 480 23.84 0.62 3.82
CA ALA C 480 24.95 1.31 4.47
C ALA C 480 24.57 2.73 4.77
N SER C 481 23.92 3.34 3.79
CA SER C 481 23.62 4.74 3.82
C SER C 481 22.48 5.04 4.78
N ALA C 482 21.46 4.18 4.79
CA ALA C 482 20.30 4.38 5.67
C ALA C 482 20.67 4.23 7.16
N LEU C 483 21.62 3.34 7.45
CA LEU C 483 22.05 3.16 8.81
C LEU C 483 22.88 4.35 9.26
N ARG C 484 23.75 4.80 8.37
CA ARG C 484 24.56 5.99 8.62
C ARG C 484 23.64 7.18 8.82
N LYS C 485 22.59 7.27 8.02
CA LYS C 485 21.59 8.34 8.12
C LYS C 485 20.87 8.37 9.49
N LEU C 486 20.60 7.20 10.04
CA LEU C 486 19.82 7.11 11.28
C LEU C 486 20.69 6.86 12.51
N GLY C 487 21.99 6.70 12.30
CA GLY C 487 22.91 6.44 13.41
C GLY C 487 22.80 5.05 13.98
N ALA C 488 22.39 4.08 13.18
CA ALA C 488 22.48 2.70 13.59
C ALA C 488 23.92 2.30 13.37
N PRO C 489 24.34 1.16 13.95
CA PRO C 489 25.67 0.66 13.66
C PRO C 489 25.81 0.19 12.24
N PRO C 490 27.05 0.10 11.78
CA PRO C 490 27.29 -0.38 10.44
C PRO C 490 27.22 -1.91 10.44
N LEU C 491 27.05 -2.49 9.25
CA LEU C 491 26.82 -3.91 9.13
C LEU C 491 27.85 -4.78 9.84
N ARG C 492 29.12 -4.39 9.81
CA ARG C 492 30.14 -5.18 10.50
C ARG C 492 29.78 -5.39 11.98
N VAL C 493 29.24 -4.35 12.63
CA VAL C 493 28.84 -4.47 14.04
C VAL C 493 27.65 -5.41 14.19
N TRP C 494 26.68 -5.32 13.28
CA TRP C 494 25.56 -6.25 13.32
C TRP C 494 26.04 -7.67 13.18
N LYS C 495 27.01 -7.92 12.29
CA LYS C 495 27.59 -9.29 12.15
C LYS C 495 27.98 -9.83 13.55
N SER C 496 28.71 -9.07 14.36
CA SER C 496 29.07 -9.51 15.74
C SER C 496 27.84 -9.78 16.58
N ARG C 497 27.05 -8.76 16.83
CA ARG C 497 25.82 -8.94 17.61
C ARG C 497 25.11 -10.23 17.20
N ALA C 498 25.01 -10.47 15.90
CA ALA C 498 24.36 -11.66 15.34
C ALA C 498 25.02 -12.97 15.81
N ARG C 499 26.34 -13.05 15.70
CA ARG C 499 27.06 -14.25 16.12
C ARG C 499 26.64 -14.58 17.53
N ALA C 500 26.57 -13.56 18.37
CA ALA C 500 26.27 -13.73 19.79
C ALA C 500 24.81 -14.05 20.05
N VAL C 501 23.90 -13.38 19.35
CA VAL C 501 22.49 -13.71 19.47
C VAL C 501 22.29 -15.15 19.03
N ARG C 502 23.09 -15.58 18.05
CA ARG C 502 23.03 -16.94 17.52
C ARG C 502 23.40 -17.98 18.60
N ALA C 503 24.54 -17.75 19.26
CA ALA C 503 25.03 -18.62 20.33
C ALA C 503 23.92 -18.96 21.30
N SER C 504 23.28 -17.92 21.82
CA SER C 504 22.24 -18.08 22.82
C SER C 504 21.06 -18.89 22.32
N LEU C 505 20.64 -18.63 21.09
CA LEU C 505 19.52 -19.35 20.48
C LEU C 505 19.84 -20.84 20.31
N ILE C 506 21.08 -21.14 19.93
CA ILE C 506 21.56 -22.51 19.82
C ILE C 506 21.50 -23.17 21.19
N SER C 507 22.18 -22.58 22.17
CA SER C 507 22.27 -23.18 23.50
C SER C 507 20.90 -23.39 24.15
N ARG C 508 19.91 -22.59 23.76
CA ARG C 508 18.55 -22.78 24.28
C ARG C 508 17.91 -24.08 23.78
N GLY C 509 18.44 -24.64 22.69
CA GLY C 509 17.90 -25.86 22.08
C GLY C 509 16.48 -25.73 21.55
N GLY C 510 15.94 -26.83 21.07
CA GLY C 510 14.54 -26.83 20.63
C GLY C 510 14.29 -25.90 19.47
N LYS C 511 13.13 -25.24 19.49
CA LYS C 511 12.73 -24.35 18.41
C LYS C 511 13.53 -23.03 18.38
N ALA C 512 14.23 -22.72 19.47
CA ALA C 512 15.09 -21.55 19.49
C ALA C 512 16.28 -21.85 18.60
N ALA C 513 16.95 -22.97 18.83
CA ALA C 513 18.14 -23.29 18.05
C ALA C 513 17.82 -23.39 16.56
N VAL C 514 16.61 -23.84 16.23
CA VAL C 514 16.15 -23.81 14.84
C VAL C 514 16.30 -22.39 14.30
N CYS C 515 15.55 -21.44 14.88
CA CYS C 515 15.77 -20.00 14.63
C CYS C 515 17.26 -19.65 14.58
N GLY C 516 17.99 -20.07 15.61
CA GLY C 516 19.40 -19.79 15.68
C GLY C 516 20.19 -20.21 14.44
N ARG C 517 19.83 -21.34 13.85
CA ARG C 517 20.64 -21.93 12.80
C ARG C 517 20.16 -21.54 11.43
N TYR C 518 18.85 -21.52 11.23
CA TYR C 518 18.29 -21.14 9.93
C TYR C 518 18.37 -19.64 9.69
N LEU C 519 18.00 -18.84 10.68
CA LEU C 519 18.01 -17.40 10.51
C LEU C 519 19.39 -16.78 10.52
N PHE C 520 20.38 -17.42 11.14
CA PHE C 520 21.67 -16.75 11.32
C PHE C 520 22.88 -17.46 10.73
N ASN C 521 22.61 -18.35 9.78
CA ASN C 521 23.69 -19.06 9.10
C ASN C 521 24.69 -18.06 8.56
N TRP C 522 24.18 -17.03 7.88
CA TRP C 522 25.03 -15.98 7.31
C TRP C 522 26.09 -15.47 8.26
N ALA C 523 25.76 -15.32 9.54
CA ALA C 523 26.67 -14.70 10.50
C ALA C 523 27.88 -15.56 10.89
N VAL C 524 27.79 -16.88 10.74
CA VAL C 524 28.90 -17.74 11.15
C VAL C 524 29.96 -17.79 10.05
N LYS C 525 31.20 -18.04 10.48
CA LYS C 525 32.34 -18.22 9.56
C LYS C 525 32.20 -19.50 8.75
N THR C 526 31.49 -20.47 9.30
CA THR C 526 31.51 -21.83 8.80
C THR C 526 30.08 -22.37 8.68
N LYS C 527 29.53 -22.31 7.47
CA LYS C 527 28.10 -22.52 7.24
C LYS C 527 27.67 -23.89 7.74
N LEU C 528 26.42 -24.01 8.18
CA LEU C 528 25.78 -25.32 8.38
C LEU C 528 25.04 -25.64 7.07
N LYS C 529 24.59 -26.89 6.89
CA LYS C 529 23.89 -27.31 5.66
C LYS C 529 22.35 -27.36 5.83
N LEU C 530 21.69 -26.21 5.70
CA LEU C 530 20.27 -26.07 6.03
C LEU C 530 19.29 -26.84 5.12
N THR C 531 18.91 -28.04 5.53
CA THR C 531 17.94 -28.86 4.80
C THR C 531 16.49 -28.34 5.00
N PRO C 532 15.52 -28.79 4.17
CA PRO C 532 14.14 -28.26 4.32
C PRO C 532 13.45 -28.59 5.64
N LEU C 533 12.32 -27.95 5.89
CA LEU C 533 11.66 -28.02 7.19
C LEU C 533 10.33 -28.76 7.10
N PRO C 534 10.20 -29.84 7.90
CA PRO C 534 8.93 -30.53 8.05
C PRO C 534 7.74 -29.57 8.23
N GLU C 535 7.83 -28.73 9.27
CA GLU C 535 6.73 -27.84 9.64
C GLU C 535 6.18 -27.06 8.44
N ALA C 536 7.08 -26.67 7.52
CA ALA C 536 6.75 -25.79 6.36
C ALA C 536 5.50 -26.13 5.54
N ARG C 537 5.31 -27.42 5.20
CA ARG C 537 4.16 -27.83 4.37
C ARG C 537 2.96 -28.21 5.27
#